data_4FWI
#
_entry.id   4FWI
#
_cell.length_a   64.247
_cell.length_b   64.247
_cell.length_c   320.608
_cell.angle_alpha   90.00
_cell.angle_beta   90.00
_cell.angle_gamma   90.00
#
_symmetry.space_group_name_H-M   'P 43 2 2'
#
loop_
_entity.id
_entity.type
_entity.pdbx_description
1 polymer 'ABC-type dipeptide/oligopeptide/nickel transport system, ATPase component'
2 non-polymer 'IRON/SULFUR CLUSTER'
3 non-polymer "ADENOSINE-5'-TRIPHOSPHATE"
4 non-polymer 'MAGNESIUM ION'
#
_entity_poly.entity_id   1
_entity_poly.type   'polypeptide(L)'
_entity_poly.pdbx_seq_one_letter_code
;MSIIIRVEDLRAVYLVREGTIKAADGISLDILENSVTAIVGESASGKSTIIEAMTKTLPPNGRILSGRVLYKGKDLLTMR
EEELRKIRWKEIALVPQAAQQSLNPTMKVIEHFKDTVEAHGVRWSHSELIEKASEKLRMVRLNPEAVLNSYPLQLSGGMK
QRVLIALALLLDPVVLILDEPTSALDVLTQAHIIQLLKELKKMLKITLIFVTHDIAVAAELADKVAVIYGGNLVEYNSTF
QIFKNPLHPYTRGLINSIMAVNADMSKVKPIPGDPPSLLNPPSGCRFHPRCEYAMEICKKEKPKWIRLDGEAHVACHLYE
EGRPLKLEHHHHHH
;
_entity_poly.pdbx_strand_id   B
#
# COMPACT_ATOMS: atom_id res chain seq x y z
N SER A 2 19.01 2.75 -4.14
CA SER A 2 18.44 2.62 -5.47
C SER A 2 16.96 2.92 -5.38
N ILE A 3 16.40 3.49 -6.45
CA ILE A 3 14.96 3.62 -6.49
C ILE A 3 14.46 2.42 -7.24
N ILE A 4 13.67 1.59 -6.58
CA ILE A 4 13.27 0.34 -7.22
C ILE A 4 11.96 0.55 -7.96
N ILE A 5 11.26 1.62 -7.58
CA ILE A 5 9.96 1.97 -8.15
C ILE A 5 9.71 3.46 -8.14
N ARG A 6 9.59 4.04 -9.33
CA ARG A 6 9.23 5.44 -9.48
C ARG A 6 7.78 5.62 -9.98
N VAL A 7 6.91 6.06 -9.09
CA VAL A 7 5.57 6.50 -9.50
C VAL A 7 5.61 7.95 -9.98
N GLU A 8 5.30 8.16 -11.26
CA GLU A 8 5.31 9.50 -11.86
C GLU A 8 3.92 9.99 -12.23
N ASP A 9 3.49 11.08 -11.61
CA ASP A 9 2.22 11.71 -11.99
C ASP A 9 1.08 10.74 -12.25
N LEU A 10 0.63 10.07 -11.20
CA LEU A 10 -0.43 9.07 -11.33
C LEU A 10 -1.83 9.67 -11.11
N ARG A 11 -2.58 9.84 -12.20
CA ARG A 11 -3.99 10.15 -12.07
C ARG A 11 -4.78 8.88 -12.38
N ALA A 12 -5.57 8.47 -11.40
CA ALA A 12 -6.44 7.33 -11.50
C ALA A 12 -7.77 7.70 -10.84
N VAL A 13 -8.88 7.42 -11.52
CA VAL A 13 -10.20 7.79 -11.03
C VAL A 13 -11.19 6.62 -11.08
N TYR A 14 -12.32 6.78 -10.39
CA TYR A 14 -13.42 5.84 -10.50
C TYR A 14 -14.55 6.44 -11.32
N LEU A 15 -14.84 5.84 -12.47
CA LEU A 15 -15.98 6.27 -13.29
C LEU A 15 -17.33 5.95 -12.60
N VAL A 16 -18.09 6.99 -12.34
CA VAL A 16 -19.34 6.78 -11.63
C VAL A 16 -20.46 7.56 -12.35
N ARG A 17 -21.71 7.21 -12.09
CA ARG A 17 -22.85 7.78 -12.82
C ARG A 17 -22.72 9.30 -12.90
N GLU A 18 -22.57 9.90 -11.72
CA GLU A 18 -22.55 11.35 -11.57
C GLU A 18 -21.20 12.03 -11.87
N GLY A 19 -20.26 11.29 -12.45
CA GLY A 19 -18.99 11.88 -12.84
C GLY A 19 -17.82 11.02 -12.40
N THR A 20 -16.68 11.63 -12.06
CA THR A 20 -15.51 10.86 -11.66
C THR A 20 -15.13 11.03 -10.20
N ILE A 21 -14.61 9.95 -9.62
CA ILE A 21 -14.05 9.96 -8.27
C ILE A 21 -12.53 10.05 -8.27
N LYS A 22 -12.06 11.18 -7.78
CA LYS A 22 -10.69 11.59 -7.97
C LYS A 22 -9.86 11.21 -6.77
N ALA A 23 -9.93 9.92 -6.42
CA ALA A 23 -8.99 9.31 -5.49
C ALA A 23 -7.70 9.29 -6.30
N ALA A 24 -6.58 8.95 -5.69
CA ALA A 24 -5.30 8.96 -6.46
C ALA A 24 -5.10 10.06 -7.57
N ASP A 25 -5.11 11.34 -7.16
CA ASP A 25 -5.15 12.44 -8.10
C ASP A 25 -3.84 13.16 -8.28
N GLY A 26 -3.02 12.71 -9.22
CA GLY A 26 -1.70 13.30 -9.46
C GLY A 26 -0.68 12.87 -8.39
N ILE A 27 -0.11 11.69 -8.59
CA ILE A 27 0.65 11.12 -7.51
C ILE A 27 2.03 10.61 -7.90
N SER A 28 3.06 11.25 -7.35
CA SER A 28 4.43 10.92 -7.72
C SER A 28 5.27 10.68 -6.47
N LEU A 29 5.87 9.50 -6.38
CA LEU A 29 6.77 9.16 -5.27
C LEU A 29 7.78 8.03 -5.55
N ASP A 30 8.92 8.10 -4.86
CA ASP A 30 10.01 7.19 -5.14
C ASP A 30 10.22 6.20 -4.02
N ILE A 31 10.05 4.92 -4.33
CA ILE A 31 10.27 3.82 -3.40
C ILE A 31 11.72 3.38 -3.37
N LEU A 32 12.39 3.61 -2.24
CA LEU A 32 13.77 3.17 -2.05
C LEU A 32 13.96 1.64 -2.03
N GLU A 33 15.01 1.20 -2.71
CA GLU A 33 15.12 -0.19 -3.12
C GLU A 33 15.14 -1.27 -2.04
N ASN A 34 15.38 -0.94 -0.78
CA ASN A 34 15.17 -1.98 0.23
C ASN A 34 14.49 -1.43 1.46
N SER A 35 13.75 -0.35 1.23
CA SER A 35 13.09 0.40 2.28
C SER A 35 11.87 -0.31 2.78
N VAL A 36 11.26 0.28 3.80
CA VAL A 36 9.87 0.03 4.14
C VAL A 36 9.17 1.39 4.03
N THR A 37 8.33 1.53 3.01
CA THR A 37 7.49 2.73 2.87
C THR A 37 6.08 2.43 3.36
N ALA A 38 5.57 3.35 4.19
CA ALA A 38 4.20 3.30 4.63
C ALA A 38 3.36 4.32 3.87
N ILE A 39 2.18 3.90 3.43
CA ILE A 39 1.17 4.80 2.88
C ILE A 39 0.06 5.01 3.93
N VAL A 40 -0.07 6.25 4.39
CA VAL A 40 -0.93 6.50 5.53
C VAL A 40 -1.90 7.63 5.20
N GLY A 41 -3.07 7.58 5.84
CA GLY A 41 -4.19 8.45 5.56
C GLY A 41 -5.40 7.88 6.27
N GLU A 42 -6.44 8.69 6.43
CA GLU A 42 -7.68 8.21 7.08
C GLU A 42 -8.51 7.37 6.13
N SER A 43 -9.65 6.91 6.63
CA SER A 43 -10.58 6.11 5.82
C SER A 43 -10.97 6.81 4.52
N ALA A 44 -11.16 5.99 3.50
CA ALA A 44 -11.62 6.48 2.22
C ALA A 44 -10.84 7.70 1.70
N SER A 45 -9.52 7.63 1.71
CA SER A 45 -8.74 8.76 1.24
C SER A 45 -7.92 8.48 -0.01
N GLY A 46 -8.01 7.26 -0.56
CA GLY A 46 -7.27 6.91 -1.76
C GLY A 46 -6.14 5.89 -1.62
N LYS A 47 -5.84 5.48 -0.39
CA LYS A 47 -4.74 4.54 -0.14
C LYS A 47 -4.82 3.28 -1.04
N SER A 48 -5.92 2.55 -0.90
CA SER A 48 -6.07 1.30 -1.62
C SER A 48 -6.12 1.57 -3.11
N THR A 49 -6.60 2.77 -3.46
CA THR A 49 -6.71 3.16 -4.86
C THR A 49 -5.34 3.39 -5.51
N ILE A 50 -4.44 4.00 -4.78
CA ILE A 50 -3.07 4.17 -5.27
C ILE A 50 -2.40 2.83 -5.38
N ILE A 51 -2.59 2.01 -4.34
CA ILE A 51 -2.02 0.67 -4.37
C ILE A 51 -2.50 -0.07 -5.60
N GLU A 52 -3.81 -0.03 -5.84
CA GLU A 52 -4.37 -0.79 -6.94
C GLU A 52 -3.94 -0.25 -8.28
N ALA A 53 -3.88 1.07 -8.38
CA ALA A 53 -3.48 1.67 -9.63
C ALA A 53 -2.07 1.22 -9.97
N MET A 54 -1.22 1.21 -8.96
CA MET A 54 0.17 0.85 -9.13
C MET A 54 0.36 -0.59 -9.61
N THR A 55 -0.57 -1.45 -9.23
CA THR A 55 -0.47 -2.87 -9.49
C THR A 55 -1.38 -3.30 -10.64
N LYS A 56 -1.97 -2.31 -11.32
CA LYS A 56 -2.98 -2.58 -12.33
C LYS A 56 -4.01 -3.60 -11.84
N THR A 57 -4.49 -3.41 -10.61
CA THR A 57 -5.49 -4.28 -10.02
C THR A 57 -6.76 -3.48 -9.72
N LEU A 58 -6.93 -2.37 -10.46
CA LEU A 58 -8.12 -1.54 -10.33
C LEU A 58 -9.35 -2.32 -10.73
N PRO A 59 -10.51 -1.95 -10.18
CA PRO A 59 -11.76 -2.64 -10.56
C PRO A 59 -12.19 -2.34 -12.01
N PRO A 60 -13.33 -2.91 -12.46
CA PRO A 60 -13.74 -2.69 -13.85
C PRO A 60 -14.11 -1.23 -13.95
N ASN A 61 -14.65 -0.79 -12.83
CA ASN A 61 -14.95 0.59 -12.53
C ASN A 61 -13.78 1.58 -12.69
N GLY A 62 -12.65 1.30 -12.06
CA GLY A 62 -11.57 2.28 -12.00
C GLY A 62 -10.75 2.37 -13.28
N ARG A 63 -10.36 3.58 -13.66
CA ARG A 63 -9.57 3.78 -14.87
C ARG A 63 -8.44 4.74 -14.63
N ILE A 64 -7.30 4.45 -15.24
CA ILE A 64 -6.10 5.24 -15.03
C ILE A 64 -6.04 6.29 -16.11
N LEU A 65 -6.06 7.55 -15.69
CA LEU A 65 -6.03 8.67 -16.61
C LEU A 65 -4.62 9.02 -17.09
N SER A 66 -3.63 8.98 -16.20
CA SER A 66 -2.34 9.49 -16.64
C SER A 66 -1.19 9.08 -15.74
N GLY A 67 0.02 9.11 -16.30
CA GLY A 67 1.23 8.85 -15.55
C GLY A 67 1.93 7.52 -15.81
N ARG A 68 3.09 7.36 -15.17
CA ARG A 68 3.88 6.15 -15.28
C ARG A 68 4.15 5.50 -13.92
N VAL A 69 4.47 4.22 -13.93
CA VAL A 69 5.15 3.61 -12.79
C VAL A 69 6.27 2.72 -13.25
N LEU A 70 7.49 3.10 -12.87
CA LEU A 70 8.72 2.50 -13.37
C LEU A 70 9.31 1.50 -12.39
N TYR A 71 9.41 0.25 -12.82
CA TYR A 71 10.10 -0.76 -12.05
C TYR A 71 11.30 -1.20 -12.88
N LYS A 72 12.52 -0.97 -12.36
CA LYS A 72 13.71 -1.22 -13.15
C LYS A 72 13.64 -0.31 -14.37
N GLY A 73 13.30 0.95 -14.13
CA GLY A 73 13.17 1.95 -15.18
C GLY A 73 12.25 1.62 -16.35
N LYS A 74 11.45 0.57 -16.22
CA LYS A 74 10.50 0.22 -17.28
C LYS A 74 9.04 0.36 -16.83
N ASP A 75 8.20 0.92 -17.69
CA ASP A 75 6.84 1.29 -17.30
C ASP A 75 5.84 0.12 -17.25
N LEU A 76 5.35 -0.14 -16.05
CA LEU A 76 4.42 -1.23 -15.78
C LEU A 76 3.10 -1.04 -16.51
N LEU A 77 2.53 0.15 -16.36
CA LEU A 77 1.43 0.55 -17.21
C LEU A 77 2.05 0.47 -18.59
N THR A 78 1.25 0.21 -19.62
CA THR A 78 1.79 0.13 -20.98
C THR A 78 2.77 -1.01 -21.18
N MET A 79 2.55 -2.14 -20.52
CA MET A 79 3.48 -3.24 -20.71
C MET A 79 2.75 -4.36 -21.37
N ARG A 80 3.44 -5.08 -22.23
CA ARG A 80 2.87 -6.27 -22.83
C ARG A 80 2.57 -7.24 -21.68
N GLU A 81 1.33 -7.73 -21.65
CA GLU A 81 0.89 -8.67 -20.63
C GLU A 81 1.77 -9.92 -20.60
N GLU A 82 2.47 -10.17 -21.70
CA GLU A 82 3.41 -11.28 -21.77
C GLU A 82 4.62 -10.93 -20.92
N GLU A 83 4.90 -9.64 -20.83
CA GLU A 83 6.02 -9.12 -20.07
C GLU A 83 5.57 -8.82 -18.64
N LEU A 84 4.25 -8.63 -18.48
CA LEU A 84 3.63 -8.41 -17.17
C LEU A 84 3.60 -9.69 -16.34
N ARG A 85 3.19 -10.78 -16.99
CA ARG A 85 3.05 -12.07 -16.32
C ARG A 85 4.34 -12.59 -15.64
N LYS A 86 5.51 -12.16 -16.16
CA LYS A 86 6.79 -12.58 -15.59
C LYS A 86 7.16 -11.72 -14.38
N ILE A 87 6.56 -10.54 -14.32
CA ILE A 87 6.82 -9.60 -13.25
C ILE A 87 5.89 -9.85 -12.07
N ARG A 88 4.68 -10.35 -12.35
CA ARG A 88 3.67 -10.42 -11.29
C ARG A 88 4.13 -11.11 -10.00
N TRP A 89 3.55 -12.25 -9.64
CA TRP A 89 3.94 -12.83 -8.34
C TRP A 89 5.48 -13.00 -8.14
N LYS A 90 6.17 -13.24 -9.25
CA LYS A 90 7.60 -13.49 -9.26
C LYS A 90 8.39 -12.35 -8.66
N GLU A 91 8.07 -11.13 -9.08
CA GLU A 91 8.81 -9.94 -8.68
C GLU A 91 8.01 -9.05 -7.73
N ILE A 92 6.87 -8.54 -8.20
CA ILE A 92 6.02 -7.75 -7.32
C ILE A 92 4.85 -8.58 -6.84
N ALA A 93 4.49 -8.45 -5.56
CA ALA A 93 3.41 -9.26 -5.02
C ALA A 93 2.54 -8.48 -4.08
N LEU A 94 1.24 -8.78 -4.12
CA LEU A 94 0.26 -7.93 -3.48
C LEU A 94 -0.75 -8.71 -2.70
N VAL A 95 -0.69 -8.59 -1.39
CA VAL A 95 -1.81 -8.98 -0.54
C VAL A 95 -2.73 -7.78 -0.21
N PRO A 96 -3.86 -7.66 -0.94
CA PRO A 96 -4.86 -6.56 -1.00
C PRO A 96 -5.88 -6.49 0.14
N GLN A 97 -6.65 -5.39 0.19
CA GLN A 97 -7.56 -5.15 1.31
C GLN A 97 -8.52 -6.31 1.47
N ALA A 98 -8.61 -6.83 2.70
CA ALA A 98 -9.39 -8.02 3.01
C ALA A 98 -9.40 -9.07 1.87
N ALA A 99 -8.20 -9.53 1.52
CA ALA A 99 -8.05 -10.57 0.50
C ALA A 99 -8.39 -11.91 1.14
N GLN A 100 -8.65 -11.87 2.45
CA GLN A 100 -9.22 -13.03 3.11
C GLN A 100 -10.48 -13.47 2.36
N GLN A 101 -11.37 -12.52 2.13
CA GLN A 101 -12.58 -12.78 1.37
C GLN A 101 -12.33 -13.54 0.05
N SER A 102 -11.10 -13.48 -0.48
CA SER A 102 -10.77 -14.23 -1.70
C SER A 102 -10.39 -15.70 -1.40
N LEU A 103 -10.51 -16.07 -0.14
CA LEU A 103 -10.33 -17.46 0.26
C LEU A 103 -11.69 -18.10 0.29
N ASN A 104 -12.02 -18.82 -0.78
CA ASN A 104 -13.24 -19.62 -0.77
C ASN A 104 -13.04 -20.77 0.22
N PRO A 105 -14.06 -21.03 1.05
CA PRO A 105 -13.89 -21.65 2.37
C PRO A 105 -14.26 -23.12 2.36
N THR A 106 -14.68 -23.61 1.21
CA THR A 106 -14.89 -25.03 0.99
C THR A 106 -13.62 -25.64 0.39
N MET A 107 -12.52 -24.90 0.49
CA MET A 107 -11.25 -25.32 -0.09
C MET A 107 -10.18 -25.38 0.99
N LYS A 108 -9.36 -26.42 0.95
CA LYS A 108 -8.23 -26.50 1.87
C LYS A 108 -7.23 -25.45 1.41
N VAL A 109 -6.49 -24.90 2.36
CA VAL A 109 -5.49 -23.87 2.08
C VAL A 109 -4.53 -24.26 0.96
N ILE A 110 -4.16 -25.54 0.97
CA ILE A 110 -3.21 -26.08 0.01
C ILE A 110 -3.72 -25.76 -1.38
N GLU A 111 -5.04 -25.71 -1.48
CA GLU A 111 -5.67 -25.47 -2.76
C GLU A 111 -5.54 -24.01 -3.17
N HIS A 112 -5.59 -23.08 -2.22
CA HIS A 112 -5.44 -21.67 -2.57
C HIS A 112 -4.01 -21.42 -3.02
N PHE A 113 -3.09 -22.17 -2.42
CA PHE A 113 -1.71 -22.15 -2.88
C PHE A 113 -1.64 -22.62 -4.32
N LYS A 114 -2.17 -23.82 -4.56
CA LYS A 114 -2.17 -24.41 -5.89
C LYS A 114 -2.82 -23.47 -6.92
N ASP A 115 -4.07 -23.07 -6.69
CA ASP A 115 -4.79 -22.05 -7.47
C ASP A 115 -3.87 -20.88 -7.83
N THR A 116 -3.23 -20.29 -6.83
CA THR A 116 -2.27 -19.20 -7.03
C THR A 116 -1.15 -19.60 -8.02
N VAL A 117 -0.37 -20.61 -7.65
CA VAL A 117 0.76 -21.08 -8.44
C VAL A 117 0.39 -21.35 -9.89
N GLU A 118 -0.72 -22.05 -10.07
CA GLU A 118 -1.23 -22.44 -11.38
C GLU A 118 -1.51 -21.20 -12.18
N ALA A 119 -2.40 -20.37 -11.62
CA ALA A 119 -2.78 -19.11 -12.22
C ALA A 119 -1.59 -18.31 -12.74
N HIS A 120 -0.53 -18.20 -11.93
CA HIS A 120 0.64 -17.41 -12.36
C HIS A 120 1.63 -18.18 -13.24
N GLY A 121 1.11 -19.15 -13.99
CA GLY A 121 1.92 -19.95 -14.90
C GLY A 121 2.67 -21.13 -14.29
N VAL A 122 3.70 -20.83 -13.52
CA VAL A 122 4.64 -21.84 -12.97
C VAL A 122 4.07 -23.22 -12.65
N ARG A 123 4.78 -24.25 -13.11
CA ARG A 123 4.33 -25.63 -12.98
C ARG A 123 5.22 -26.42 -12.02
N TRP A 124 4.61 -26.83 -10.90
CA TRP A 124 5.32 -27.55 -9.84
C TRP A 124 4.61 -28.84 -9.53
N SER A 125 5.40 -29.88 -9.22
CA SER A 125 4.83 -31.13 -8.78
C SER A 125 4.12 -30.89 -7.46
N HIS A 126 2.89 -31.36 -7.35
CA HIS A 126 2.12 -31.23 -6.11
C HIS A 126 2.94 -31.39 -4.81
N SER A 127 3.86 -32.34 -4.80
CA SER A 127 4.68 -32.57 -3.62
C SER A 127 5.70 -31.44 -3.43
N GLU A 128 6.31 -31.01 -4.53
CA GLU A 128 7.21 -29.85 -4.53
C GLU A 128 6.51 -28.61 -3.96
N LEU A 129 5.35 -28.29 -4.53
CA LEU A 129 4.42 -27.28 -4.01
C LEU A 129 4.20 -27.39 -2.49
N ILE A 130 3.93 -28.61 -2.01
CA ILE A 130 3.86 -28.83 -0.57
C ILE A 130 5.16 -28.38 0.12
N GLU A 131 6.31 -28.72 -0.45
CA GLU A 131 7.59 -28.28 0.08
C GLU A 131 7.59 -26.78 0.25
N LYS A 132 7.59 -26.09 -0.89
CA LYS A 132 7.76 -24.64 -0.95
C LYS A 132 6.79 -23.92 -0.03
N ALA A 133 5.51 -24.28 -0.18
CA ALA A 133 4.44 -23.77 0.67
C ALA A 133 4.77 -23.94 2.16
N SER A 134 5.10 -25.16 2.57
CA SER A 134 5.49 -25.43 3.95
C SER A 134 6.62 -24.52 4.40
N GLU A 135 7.61 -24.36 3.53
CA GLU A 135 8.75 -23.52 3.80
C GLU A 135 8.34 -22.06 4.14
N LYS A 136 7.52 -21.45 3.30
CA LYS A 136 7.06 -20.07 3.59
C LYS A 136 6.08 -20.04 4.76
N LEU A 137 5.34 -21.12 4.95
CA LEU A 137 4.44 -21.20 6.09
C LEU A 137 5.27 -21.14 7.35
N ARG A 138 6.43 -21.78 7.31
CA ARG A 138 7.36 -21.71 8.42
C ARG A 138 7.87 -20.30 8.58
N MET A 139 8.37 -19.68 7.51
CA MET A 139 8.78 -18.26 7.59
C MET A 139 7.78 -17.38 8.36
N VAL A 140 6.50 -17.72 8.29
CA VAL A 140 5.47 -16.91 8.91
C VAL A 140 5.05 -17.50 10.26
N ARG A 141 5.80 -18.51 10.70
CA ARG A 141 5.62 -19.11 12.03
C ARG A 141 4.31 -19.87 12.14
N LEU A 142 4.00 -20.69 11.13
CA LEU A 142 2.77 -21.48 11.10
C LEU A 142 3.10 -22.97 11.04
N ASN A 143 2.16 -23.81 11.45
CA ASN A 143 2.32 -25.25 11.27
C ASN A 143 1.97 -25.73 9.84
N PRO A 144 2.99 -25.93 8.97
CA PRO A 144 2.67 -26.19 7.56
C PRO A 144 1.66 -27.32 7.38
N GLU A 145 1.88 -28.40 8.12
CA GLU A 145 1.01 -29.56 8.04
C GLU A 145 -0.43 -29.15 8.37
N ALA A 146 -0.66 -28.77 9.62
CA ALA A 146 -2.02 -28.46 10.08
C ALA A 146 -2.71 -27.45 9.17
N VAL A 147 -1.97 -26.43 8.76
CA VAL A 147 -2.56 -25.31 8.06
C VAL A 147 -2.96 -25.68 6.64
N LEU A 148 -2.02 -26.24 5.88
CA LEU A 148 -2.29 -26.54 4.48
C LEU A 148 -3.53 -27.40 4.35
N ASN A 149 -3.77 -28.20 5.38
CA ASN A 149 -4.78 -29.23 5.33
C ASN A 149 -6.04 -28.83 6.06
N SER A 150 -6.16 -27.55 6.37
CA SER A 150 -7.37 -27.06 7.01
C SER A 150 -8.13 -26.10 6.09
N TYR A 151 -9.36 -25.76 6.49
CA TYR A 151 -10.19 -24.86 5.70
C TYR A 151 -10.17 -23.46 6.31
N PRO A 152 -10.18 -22.44 5.45
CA PRO A 152 -10.12 -21.03 5.84
C PRO A 152 -10.90 -20.76 7.10
N LEU A 153 -12.17 -21.13 7.09
CA LEU A 153 -13.05 -20.91 8.23
C LEU A 153 -12.47 -21.38 9.57
N GLN A 154 -11.52 -22.32 9.54
CA GLN A 154 -10.94 -22.86 10.77
C GLN A 154 -9.77 -22.04 11.26
N LEU A 155 -9.47 -20.93 10.58
CA LEU A 155 -8.33 -20.11 10.94
C LEU A 155 -8.74 -18.78 11.52
N SER A 156 -7.97 -18.29 12.48
CA SER A 156 -8.17 -16.95 13.02
C SER A 156 -7.76 -15.90 11.98
N GLY A 157 -8.23 -14.68 12.15
CA GLY A 157 -7.83 -13.59 11.27
C GLY A 157 -6.32 -13.41 11.22
N GLY A 158 -5.67 -13.57 12.38
CA GLY A 158 -4.22 -13.53 12.45
C GLY A 158 -3.61 -14.60 11.56
N MET A 159 -4.14 -15.82 11.68
CA MET A 159 -3.66 -16.94 10.88
C MET A 159 -3.99 -16.78 9.40
N LYS A 160 -5.22 -16.38 9.08
CA LYS A 160 -5.56 -16.07 7.69
C LYS A 160 -4.54 -15.10 7.07
N GLN A 161 -4.22 -14.05 7.82
CA GLN A 161 -3.21 -13.05 7.43
C GLN A 161 -1.82 -13.63 7.19
N ARG A 162 -1.34 -14.38 8.18
CA ARG A 162 -0.13 -15.16 7.98
C ARG A 162 -0.14 -15.99 6.67
N VAL A 163 -1.21 -16.76 6.46
CA VAL A 163 -1.36 -17.52 5.22
C VAL A 163 -1.23 -16.63 3.98
N LEU A 164 -1.98 -15.53 3.97
CA LEU A 164 -1.99 -14.63 2.83
C LEU A 164 -0.56 -14.14 2.49
N ILE A 165 0.18 -13.80 3.55
CA ILE A 165 1.56 -13.33 3.34
C ILE A 165 2.44 -14.44 2.77
N ALA A 166 2.38 -15.62 3.40
CA ALA A 166 3.12 -16.77 2.91
C ALA A 166 2.86 -16.97 1.41
N LEU A 167 1.58 -16.94 1.06
CA LEU A 167 1.14 -17.00 -0.31
C LEU A 167 1.87 -15.99 -1.19
N ALA A 168 1.89 -14.72 -0.76
CA ALA A 168 2.64 -13.70 -1.52
C ALA A 168 4.13 -14.02 -1.68
N LEU A 169 4.76 -14.47 -0.59
CA LEU A 169 6.19 -14.79 -0.62
C LEU A 169 6.56 -15.99 -1.49
N LEU A 170 5.57 -16.86 -1.73
CA LEU A 170 5.79 -18.12 -2.46
C LEU A 170 6.88 -18.13 -3.55
N LEU A 171 6.91 -17.10 -4.38
CA LEU A 171 7.82 -17.09 -5.52
C LEU A 171 9.00 -16.16 -5.32
N ASP A 172 9.32 -15.87 -4.06
CA ASP A 172 10.43 -14.98 -3.71
C ASP A 172 10.36 -13.70 -4.53
N PRO A 173 9.47 -12.80 -4.12
CA PRO A 173 9.29 -11.50 -4.76
C PRO A 173 10.37 -10.56 -4.30
N VAL A 174 10.56 -9.44 -5.00
CA VAL A 174 11.55 -8.45 -4.61
C VAL A 174 10.84 -7.26 -3.96
N VAL A 175 9.58 -7.05 -4.33
CA VAL A 175 8.71 -6.09 -3.67
C VAL A 175 7.48 -6.79 -3.11
N LEU A 176 7.13 -6.45 -1.87
CA LEU A 176 5.92 -6.99 -1.26
C LEU A 176 4.98 -5.86 -0.86
N ILE A 177 3.75 -5.90 -1.37
CA ILE A 177 2.83 -4.81 -1.09
C ILE A 177 1.62 -5.25 -0.30
N LEU A 178 1.35 -4.57 0.80
CA LEU A 178 0.29 -4.97 1.73
C LEU A 178 -0.69 -3.85 2.06
N ASP A 179 -1.98 -4.15 1.92
CA ASP A 179 -3.04 -3.16 2.14
C ASP A 179 -3.86 -3.44 3.40
N GLU A 180 -3.88 -2.49 4.32
CA GLU A 180 -4.55 -2.61 5.62
C GLU A 180 -4.34 -4.01 6.20
N PRO A 181 -3.07 -4.41 6.32
CA PRO A 181 -2.68 -5.80 6.60
C PRO A 181 -3.16 -6.27 7.97
N THR A 182 -3.57 -5.33 8.80
CA THR A 182 -3.63 -5.56 10.23
C THR A 182 -4.95 -5.07 10.84
N SER A 183 -5.79 -4.47 9.99
CA SER A 183 -7.09 -3.96 10.44
C SER A 183 -8.06 -5.10 10.63
N ALA A 184 -9.13 -4.87 11.38
CA ALA A 184 -10.06 -5.94 11.70
C ALA A 184 -9.24 -7.08 12.26
N LEU A 185 -8.70 -6.87 13.47
CA LEU A 185 -7.66 -7.73 14.02
C LEU A 185 -7.29 -7.23 15.40
N ASP A 186 -7.53 -8.03 16.42
CA ASP A 186 -7.39 -7.57 17.80
C ASP A 186 -6.03 -6.91 18.03
N VAL A 187 -5.94 -6.15 19.10
CA VAL A 187 -4.71 -5.47 19.44
C VAL A 187 -3.53 -6.45 19.35
N LEU A 188 -3.46 -7.37 20.31
CA LEU A 188 -2.34 -8.30 20.45
C LEU A 188 -1.86 -8.93 19.13
N THR A 189 -2.74 -9.62 18.41
CA THR A 189 -2.33 -10.28 17.18
C THR A 189 -1.90 -9.28 16.10
N GLN A 190 -2.47 -8.08 16.15
CA GLN A 190 -2.01 -7.00 15.30
C GLN A 190 -0.51 -6.74 15.61
N ALA A 191 -0.21 -6.66 16.90
CA ALA A 191 1.17 -6.58 17.36
C ALA A 191 2.06 -7.73 16.85
N HIS A 192 1.53 -8.96 16.86
CA HIS A 192 2.32 -10.09 16.38
C HIS A 192 2.54 -10.03 14.88
N ILE A 193 1.54 -9.56 14.15
CA ILE A 193 1.73 -9.43 12.73
C ILE A 193 2.85 -8.44 12.51
N ILE A 194 2.75 -7.26 13.12
CA ILE A 194 3.81 -6.28 12.97
C ILE A 194 5.18 -6.90 13.29
N GLN A 195 5.27 -7.63 14.39
CA GLN A 195 6.56 -8.23 14.75
C GLN A 195 7.07 -9.06 13.59
N LEU A 196 6.23 -9.99 13.17
CA LEU A 196 6.50 -10.84 12.02
C LEU A 196 7.01 -10.05 10.80
N LEU A 197 6.31 -8.97 10.47
CA LEU A 197 6.71 -8.07 9.39
C LEU A 197 8.12 -7.51 9.57
N LYS A 198 8.47 -7.19 10.82
CA LYS A 198 9.82 -6.77 11.16
C LYS A 198 10.82 -7.91 10.91
N GLU A 199 10.43 -9.12 11.34
CA GLU A 199 11.28 -10.31 11.19
C GLU A 199 11.59 -10.56 9.74
N LEU A 200 10.56 -10.58 8.89
CA LEU A 200 10.75 -10.81 7.47
C LEU A 200 11.55 -9.68 6.83
N LYS A 201 11.22 -8.43 7.20
CA LYS A 201 12.03 -7.25 6.85
C LYS A 201 13.52 -7.57 6.96
N LYS A 202 13.97 -8.03 8.13
CA LYS A 202 15.41 -8.27 8.35
C LYS A 202 15.90 -9.51 7.62
N MET A 203 15.14 -10.60 7.75
CA MET A 203 15.47 -11.92 7.23
C MET A 203 15.47 -12.05 5.71
N LEU A 204 14.83 -11.10 5.01
CA LEU A 204 14.74 -11.16 3.55
C LEU A 204 15.27 -9.90 2.88
N LYS A 205 15.69 -10.05 1.64
CA LYS A 205 16.06 -8.89 0.86
C LYS A 205 14.89 -8.47 -0.05
N ILE A 206 14.04 -7.57 0.46
CA ILE A 206 12.86 -7.05 -0.27
C ILE A 206 12.52 -5.58 -0.01
N THR A 207 11.88 -4.96 -0.98
CA THR A 207 11.27 -3.67 -0.74
C THR A 207 9.89 -3.97 -0.18
N LEU A 208 9.57 -3.34 0.95
CA LEU A 208 8.25 -3.53 1.56
C LEU A 208 7.40 -2.25 1.58
N ILE A 209 6.32 -2.26 0.81
CA ILE A 209 5.34 -1.20 0.82
C ILE A 209 4.12 -1.66 1.54
N PHE A 210 3.66 -0.89 2.53
CA PHE A 210 2.38 -1.25 3.16
C PHE A 210 1.49 -0.07 3.53
N VAL A 211 0.20 -0.35 3.59
CA VAL A 211 -0.79 0.70 3.79
C VAL A 211 -1.36 0.57 5.19
N THR A 212 -1.61 1.70 5.82
CA THR A 212 -2.25 1.69 7.12
C THR A 212 -2.89 3.06 7.40
N HIS A 213 -3.86 3.07 8.30
CA HIS A 213 -4.53 4.30 8.67
C HIS A 213 -4.04 4.74 10.04
N ASP A 214 -3.27 3.86 10.70
CA ASP A 214 -2.73 4.16 12.01
C ASP A 214 -1.25 4.53 11.91
N ILE A 215 -0.95 5.82 12.10
CA ILE A 215 0.44 6.32 12.08
C ILE A 215 1.41 5.55 13.03
N ALA A 216 0.98 5.35 14.27
CA ALA A 216 1.64 4.44 15.20
C ALA A 216 2.22 3.23 14.49
N VAL A 217 1.40 2.56 13.69
CA VAL A 217 1.82 1.31 13.06
C VAL A 217 2.97 1.57 12.06
N ALA A 218 2.79 2.64 11.30
CA ALA A 218 3.81 3.06 10.36
C ALA A 218 5.16 3.27 11.08
N ALA A 219 5.15 4.00 12.19
CA ALA A 219 6.37 4.34 12.93
C ALA A 219 6.97 3.09 13.57
N GLU A 220 6.12 2.13 13.87
CA GLU A 220 6.61 0.85 14.30
C GLU A 220 7.41 0.17 13.17
N LEU A 221 7.09 0.50 11.93
CA LEU A 221 7.60 -0.34 10.84
C LEU A 221 8.44 0.30 9.76
N ALA A 222 8.28 1.60 9.56
CA ALA A 222 8.63 2.16 8.28
C ALA A 222 9.85 3.04 8.33
N ASP A 223 10.54 3.14 7.19
CA ASP A 223 11.64 4.08 7.03
C ASP A 223 11.04 5.40 6.59
N LYS A 224 10.42 5.38 5.42
CA LYS A 224 9.81 6.55 4.83
C LYS A 224 8.30 6.47 5.03
N VAL A 225 7.62 7.60 4.96
CA VAL A 225 6.20 7.64 5.21
C VAL A 225 5.58 8.60 4.23
N ALA A 226 4.48 8.16 3.62
CA ALA A 226 3.75 8.98 2.64
C ALA A 226 2.32 9.19 3.09
N VAL A 227 2.00 10.47 3.26
CA VAL A 227 0.70 10.86 3.78
C VAL A 227 -0.19 11.29 2.63
N ILE A 228 -1.39 10.73 2.61
CA ILE A 228 -2.34 11.02 1.56
C ILE A 228 -3.57 11.65 2.20
N TYR A 229 -4.11 12.69 1.56
CA TYR A 229 -5.35 13.32 2.03
C TYR A 229 -6.22 13.55 0.81
N GLY A 230 -7.50 13.17 0.94
CA GLY A 230 -8.43 13.25 -0.17
C GLY A 230 -7.85 13.09 -1.59
N GLY A 231 -7.22 11.95 -1.86
CA GLY A 231 -6.80 11.63 -3.23
C GLY A 231 -5.50 12.29 -3.68
N ASN A 232 -4.79 12.91 -2.72
CA ASN A 232 -3.55 13.63 -2.97
C ASN A 232 -2.42 13.13 -2.09
N LEU A 233 -1.20 13.14 -2.65
CA LEU A 233 0.03 12.91 -1.89
C LEU A 233 0.46 14.24 -1.29
N VAL A 234 0.27 14.35 0.00
CA VAL A 234 0.37 15.60 0.70
C VAL A 234 1.80 15.82 1.28
N GLU A 235 2.49 14.71 1.57
CA GLU A 235 3.81 14.77 2.21
C GLU A 235 4.55 13.44 2.28
N TYR A 236 5.87 13.52 2.19
CA TYR A 236 6.71 12.33 2.12
C TYR A 236 8.07 12.51 2.80
N ASN A 237 8.22 12.03 4.04
CA ASN A 237 9.51 12.09 4.74
C ASN A 237 9.96 10.75 5.35
N SER A 238 11.11 10.74 6.01
CA SER A 238 11.45 9.58 6.86
C SER A 238 10.55 9.59 8.13
N THR A 239 10.30 8.43 8.72
CA THR A 239 9.45 8.40 9.91
C THR A 239 9.88 9.44 10.92
N PHE A 240 11.12 9.30 11.36
CA PHE A 240 11.58 10.13 12.45
C PHE A 240 11.31 11.60 12.10
N GLN A 241 11.75 12.02 10.92
CA GLN A 241 11.49 13.38 10.48
C GLN A 241 10.00 13.77 10.55
N ILE A 242 9.13 12.95 9.94
CA ILE A 242 7.69 13.14 10.05
C ILE A 242 7.20 13.50 11.46
N PHE A 243 7.67 12.78 12.47
CA PHE A 243 7.31 13.12 13.88
C PHE A 243 8.04 14.37 14.39
N LYS A 244 9.32 14.45 14.08
CA LYS A 244 10.14 15.58 14.47
C LYS A 244 9.67 16.85 13.76
N ASN A 245 9.69 16.82 12.43
CA ASN A 245 9.43 18.01 11.63
C ASN A 245 8.45 17.72 10.54
N PRO A 246 7.17 17.61 10.91
CA PRO A 246 6.07 17.44 9.96
C PRO A 246 5.76 18.75 9.24
N LEU A 247 5.74 18.68 7.91
CA LEU A 247 5.56 19.86 7.08
C LEU A 247 4.11 20.24 6.79
N HIS A 248 3.39 19.43 6.00
CA HIS A 248 2.00 19.77 5.67
C HIS A 248 1.18 20.05 6.96
N PRO A 249 0.43 21.16 6.97
CA PRO A 249 -0.52 21.46 8.06
C PRO A 249 -1.40 20.25 8.45
N TYR A 250 -1.84 19.47 7.46
CA TYR A 250 -2.63 18.30 7.77
C TYR A 250 -1.83 17.31 8.60
N THR A 251 -0.62 16.99 8.13
CA THR A 251 0.30 16.14 8.88
C THR A 251 0.59 16.66 10.28
N ARG A 252 0.99 17.93 10.40
CA ARG A 252 1.23 18.51 11.73
C ARG A 252 0.04 18.14 12.58
N GLY A 253 -1.12 18.64 12.18
CA GLY A 253 -2.35 18.29 12.86
C GLY A 253 -2.38 16.85 13.32
N LEU A 254 -2.04 15.90 12.45
CA LEU A 254 -2.03 14.49 12.85
C LEU A 254 -1.10 14.22 14.03
N ILE A 255 0.17 14.56 13.85
CA ILE A 255 1.17 14.36 14.88
C ILE A 255 0.76 14.97 16.22
N ASN A 256 0.25 16.21 16.20
CA ASN A 256 -0.23 16.86 17.42
C ASN A 256 -1.41 16.08 18.00
N SER A 257 -2.36 15.76 17.14
CA SER A 257 -3.53 14.98 17.48
C SER A 257 -3.14 13.56 17.90
N ILE A 258 -1.83 13.33 17.99
CA ILE A 258 -1.33 12.04 18.44
C ILE A 258 -0.42 12.17 19.67
N MET A 259 -0.39 13.35 20.28
CA MET A 259 0.38 13.57 21.52
C MET A 259 -0.49 13.49 22.79
N PRO A 270 -9.62 14.44 15.86
CA PRO A 270 -9.70 15.74 16.56
C PRO A 270 -9.13 16.93 15.75
N ILE A 271 -9.28 16.88 14.42
CA ILE A 271 -9.02 18.06 13.58
C ILE A 271 -10.35 18.58 13.06
N PRO A 272 -10.71 19.81 13.43
CA PRO A 272 -11.95 20.41 12.92
C PRO A 272 -12.09 20.26 11.39
N GLY A 273 -13.31 19.94 10.97
CA GLY A 273 -13.62 19.84 9.56
C GLY A 273 -14.06 18.45 9.17
N ASP A 274 -14.73 18.35 8.03
CA ASP A 274 -15.14 17.07 7.50
C ASP A 274 -14.31 16.71 6.28
N PRO A 275 -14.14 15.41 6.03
CA PRO A 275 -13.29 15.03 4.90
C PRO A 275 -13.99 15.40 3.57
N PRO A 276 -13.19 15.80 2.59
CA PRO A 276 -13.65 16.32 1.29
C PRO A 276 -14.37 15.29 0.41
N SER A 277 -15.49 15.69 -0.19
CA SER A 277 -16.12 14.94 -1.28
C SER A 277 -15.05 14.64 -2.33
N LEU A 278 -15.00 13.42 -2.84
CA LEU A 278 -13.96 13.11 -3.82
C LEU A 278 -14.50 13.23 -5.23
N LEU A 279 -15.83 13.30 -5.31
CA LEU A 279 -16.54 13.57 -6.56
C LEU A 279 -16.45 15.06 -6.84
N ASN A 280 -16.94 15.87 -5.90
CA ASN A 280 -16.78 17.32 -5.97
C ASN A 280 -15.85 17.80 -4.88
N PRO A 281 -14.53 17.69 -5.12
CA PRO A 281 -13.52 18.09 -4.14
C PRO A 281 -13.37 19.60 -4.11
N PRO A 282 -12.66 20.13 -3.09
CA PRO A 282 -12.40 21.56 -3.18
C PRO A 282 -11.26 21.79 -4.15
N SER A 283 -11.22 23.03 -4.65
CA SER A 283 -10.20 23.46 -5.61
C SER A 283 -8.83 23.68 -4.97
N GLY A 284 -7.80 23.65 -5.82
CA GLY A 284 -6.42 23.85 -5.41
C GLY A 284 -5.91 22.82 -4.44
N CYS A 285 -5.74 23.26 -3.19
CA CYS A 285 -5.37 22.33 -2.15
C CYS A 285 -6.62 21.91 -1.37
N ARG A 286 -7.00 20.65 -1.58
CA ARG A 286 -8.19 20.07 -0.95
C ARG A 286 -8.21 20.14 0.60
N PHE A 287 -7.08 20.54 1.20
CA PHE A 287 -7.03 20.65 2.65
C PHE A 287 -7.42 22.06 3.11
N HIS A 288 -7.48 23.01 2.17
CA HIS A 288 -7.71 24.41 2.54
C HIS A 288 -8.94 24.65 3.46
N PRO A 289 -10.09 24.02 3.16
CA PRO A 289 -11.28 24.24 4.00
C PRO A 289 -11.08 23.86 5.47
N ARG A 290 -10.00 23.17 5.79
CA ARG A 290 -9.79 22.75 7.16
C ARG A 290 -8.48 23.34 7.66
N CYS A 291 -7.63 23.75 6.72
CA CYS A 291 -6.32 24.28 7.03
C CYS A 291 -6.33 25.67 7.70
N GLU A 292 -5.61 25.80 8.80
CA GLU A 292 -5.61 27.07 9.52
C GLU A 292 -4.70 28.11 8.88
N TYR A 293 -3.86 27.67 7.94
CA TYR A 293 -2.95 28.56 7.22
C TYR A 293 -3.43 28.81 5.79
N ALA A 294 -4.71 28.50 5.55
CA ALA A 294 -5.32 28.64 4.23
C ALA A 294 -5.21 30.05 3.64
N MET A 295 -4.97 30.12 2.33
CA MET A 295 -4.81 31.40 1.64
C MET A 295 -5.58 31.41 0.33
N GLU A 296 -5.51 32.49 -0.41
CA GLU A 296 -6.23 32.57 -1.68
C GLU A 296 -5.68 31.59 -2.71
N ILE A 297 -4.36 31.60 -2.83
CA ILE A 297 -3.66 30.72 -3.76
C ILE A 297 -3.96 29.25 -3.44
N CYS A 298 -4.29 28.97 -2.18
CA CYS A 298 -4.59 27.61 -1.73
C CYS A 298 -5.92 27.11 -2.31
N LYS A 299 -6.81 28.03 -2.66
CA LYS A 299 -8.09 27.64 -3.27
C LYS A 299 -8.03 27.79 -4.79
N LYS A 300 -7.16 28.67 -5.27
CA LYS A 300 -7.05 28.86 -6.71
C LYS A 300 -6.09 27.86 -7.34
N GLU A 301 -5.24 27.24 -6.55
CA GLU A 301 -4.16 26.47 -7.15
C GLU A 301 -3.66 25.26 -6.32
N LYS A 302 -3.48 24.12 -6.97
CA LYS A 302 -2.99 22.93 -6.29
C LYS A 302 -1.50 23.08 -6.00
N PRO A 303 -1.13 23.04 -4.69
CA PRO A 303 0.28 23.25 -4.36
C PRO A 303 1.14 22.20 -5.05
N LYS A 304 2.26 22.60 -5.61
CA LYS A 304 3.14 21.68 -6.36
C LYS A 304 3.94 20.73 -5.45
N TRP A 305 3.97 19.45 -5.85
CA TRP A 305 4.78 18.43 -5.19
C TRP A 305 6.24 18.84 -5.28
N ILE A 306 6.87 19.13 -4.13
CA ILE A 306 8.24 19.66 -4.15
C ILE A 306 9.21 18.97 -3.22
N ARG A 307 10.49 19.25 -3.43
CA ARG A 307 11.59 18.42 -2.94
C ARG A 307 12.22 18.83 -1.63
N LEU A 308 12.27 20.12 -1.32
CA LEU A 308 12.84 20.55 -0.02
C LEU A 308 14.25 20.05 0.37
N ASP A 309 14.34 19.40 1.52
CA ASP A 309 15.63 19.12 2.14
C ASP A 309 15.89 17.66 2.52
N GLY A 310 16.66 17.00 1.68
CA GLY A 310 17.04 15.62 1.94
C GLY A 310 15.99 14.69 1.40
N GLU A 311 15.45 13.86 2.28
CA GLU A 311 14.42 12.88 1.92
C GLU A 311 13.04 13.56 1.71
N ALA A 312 12.92 14.80 2.17
CA ALA A 312 11.60 15.41 2.35
C ALA A 312 10.91 16.00 1.11
N HIS A 313 9.58 15.81 1.06
CA HIS A 313 8.71 16.31 0.01
C HIS A 313 7.42 16.82 0.66
N VAL A 314 6.87 17.89 0.08
CA VAL A 314 5.56 18.43 0.46
C VAL A 314 4.84 18.93 -0.75
N ALA A 315 3.54 19.14 -0.59
CA ALA A 315 2.75 19.82 -1.59
C ALA A 315 1.96 20.80 -0.78
N CYS A 316 2.42 22.04 -0.80
CA CYS A 316 1.96 23.08 0.11
C CYS A 316 2.50 24.42 -0.30
N HIS A 317 1.63 25.42 -0.37
CA HIS A 317 2.07 26.74 -0.79
C HIS A 317 3.05 27.40 0.19
N LEU A 318 2.97 27.01 1.46
CA LEU A 318 3.85 27.56 2.49
C LEU A 318 5.33 27.32 2.21
N TYR A 319 5.63 26.34 1.36
CA TYR A 319 7.00 25.93 1.14
C TYR A 319 7.50 26.19 -0.29
N GLU A 320 8.78 25.86 -0.51
CA GLU A 320 9.47 26.05 -1.78
C GLU A 320 10.86 25.42 -1.73
N GLU A 321 11.40 25.11 -2.90
CA GLU A 321 12.70 24.43 -3.06
C GLU A 321 13.71 24.68 -1.94
#